data_3K87
#
_entry.id   3K87
#
_cell.length_a   111.529
_cell.length_b   111.529
_cell.length_c   102.523
_cell.angle_alpha   90.000
_cell.angle_beta   90.000
_cell.angle_gamma   120.000
#
_symmetry.space_group_name_H-M   'H 3'
#
loop_
_entity.id
_entity.type
_entity.pdbx_description
1 polymer 'Chlorophenol-4-monooxygenase component 1'
2 non-polymer 'FLAVIN-ADENINE DINUCLEOTIDE'
3 water water
#
_entity_poly.entity_id   1
_entity_poly.type   'polypeptide(L)'
_entity_poly.pdbx_seq_one_letter_code
;MHAGEAVQQLKKAFETVASFDFRDALSKASTPVTVVATNGPFGLAGLTCSAVCSVCDRPPTVLLCINRKSYAAGIIKSNG
VLSVNWLAAGQAVISQTFAGVGSVPMEERFADKGWQTIATGAPYRMDAAVSFDCTIANIVDVGSHSVIFAEVVARNHAEE
CTPLIYHRRQYATTRSLAEHHHHHH
;
_entity_poly.pdbx_strand_id   A,B
#
loop_
_chem_comp.id
_chem_comp.type
_chem_comp.name
_chem_comp.formula
FAD non-polymer 'FLAVIN-ADENINE DINUCLEOTIDE' 'C27 H33 N9 O15 P2'
#
# COMPACT_ATOMS: atom_id res chain seq x y z
N PHE A 14 17.92 3.86 18.63
CA PHE A 14 18.15 4.15 17.21
C PHE A 14 17.58 5.50 16.81
N GLU A 15 18.24 6.14 15.86
CA GLU A 15 17.79 7.43 15.34
C GLU A 15 17.13 7.19 13.98
N THR A 16 15.93 7.73 13.77
CA THR A 16 15.27 7.57 12.48
C THR A 16 15.99 8.34 11.36
N VAL A 17 15.86 7.84 10.13
CA VAL A 17 16.40 8.55 8.98
C VAL A 17 15.82 9.97 8.90
N ALA A 18 16.51 10.87 8.20
CA ALA A 18 15.95 12.19 7.91
C ALA A 18 14.72 12.10 7.01
N SER A 19 13.73 12.93 7.28
CA SER A 19 12.55 13.00 6.43
C SER A 19 12.90 13.06 4.94
N PHE A 20 13.91 13.85 4.58
CA PHE A 20 14.22 14.06 3.18
C PHE A 20 14.73 12.79 2.51
N ASP A 21 15.50 12.02 3.28
CA ASP A 21 16.07 10.78 2.84
C ASP A 21 15.01 9.70 2.76
N PHE A 22 13.96 9.85 3.57
CA PHE A 22 12.87 8.89 3.63
C PHE A 22 12.05 9.02 2.34
N ARG A 23 11.73 10.26 2.00
CA ARG A 23 10.98 10.58 0.78
C ARG A 23 11.78 10.26 -0.48
N ASP A 24 13.09 10.47 -0.45
CA ASP A 24 13.93 10.14 -1.59
C ASP A 24 13.92 8.64 -1.84
N ALA A 25 14.08 7.87 -0.77
CA ALA A 25 14.07 6.43 -0.87
C ALA A 25 12.73 5.96 -1.41
N LEU A 26 11.64 6.62 -0.98
CA LEU A 26 10.29 6.14 -1.32
C LEU A 26 10.03 6.34 -2.80
N SER A 27 10.70 7.34 -3.39
CA SER A 27 10.53 7.63 -4.81
C SER A 27 11.02 6.45 -5.60
N LYS A 28 11.93 5.67 -4.99
CA LYS A 28 12.46 4.45 -5.64
C LYS A 28 11.58 3.20 -5.50
N ALA A 29 10.58 3.24 -4.61
CA ALA A 29 9.56 2.16 -4.57
C ALA A 29 8.41 2.49 -5.52
N SER A 30 7.53 1.55 -5.79
CA SER A 30 6.44 1.85 -6.71
C SER A 30 5.13 1.67 -5.94
N THR A 31 4.06 2.28 -6.43
CA THR A 31 2.75 2.12 -5.80
C THR A 31 1.70 2.10 -6.88
N PRO A 32 0.48 1.60 -6.56
CA PRO A 32 -0.65 1.90 -7.42
C PRO A 32 -0.98 3.37 -7.25
N VAL A 33 -1.94 3.86 -8.02
CA VAL A 33 -2.46 5.20 -7.81
C VAL A 33 -3.99 5.15 -7.62
N THR A 34 -4.54 5.75 -6.57
CA THR A 34 -5.98 5.70 -6.46
C THR A 34 -6.53 7.10 -6.37
N VAL A 35 -7.82 7.29 -6.61
CA VAL A 35 -8.47 8.52 -6.17
C VAL A 35 -9.40 8.10 -5.05
N VAL A 36 -9.27 8.75 -3.89
CA VAL A 36 -10.35 8.64 -2.89
C VAL A 36 -11.27 9.83 -2.87
N ALA A 37 -12.55 9.54 -2.96
CA ALA A 37 -13.58 10.55 -3.10
C ALA A 37 -14.71 10.35 -2.07
N THR A 38 -15.53 11.38 -1.92
CA THR A 38 -16.57 11.38 -0.93
C THR A 38 -17.65 12.35 -1.35
N ASN A 39 -18.85 12.15 -0.83
CA ASN A 39 -19.93 13.13 -0.96
C ASN A 39 -20.91 12.80 0.16
N GLY A 40 -21.81 13.73 0.45
CA GLY A 40 -22.66 13.60 1.61
C GLY A 40 -22.97 14.99 2.14
N PRO A 41 -23.43 15.06 3.39
CA PRO A 41 -23.90 16.32 3.97
C PRO A 41 -22.81 17.41 3.99
N PHE A 42 -21.53 17.01 3.97
CA PHE A 42 -20.41 17.95 4.08
C PHE A 42 -19.89 18.27 2.68
N GLY A 43 -20.46 17.64 1.70
CA GLY A 43 -20.13 18.02 0.34
C GLY A 43 -19.20 17.09 -0.42
N LEU A 44 -18.75 17.57 -1.57
CA LEU A 44 -18.07 16.72 -2.51
C LEU A 44 -16.57 17.00 -2.48
N ALA A 45 -15.72 15.96 -2.45
CA ALA A 45 -14.25 16.15 -2.45
C ALA A 45 -13.52 14.85 -2.80
N GLY A 46 -12.22 14.95 -3.10
CA GLY A 46 -11.43 13.78 -3.50
C GLY A 46 -9.98 14.20 -3.61
N LEU A 47 -9.07 13.24 -3.49
CA LEU A 47 -7.67 13.51 -3.65
C LEU A 47 -7.06 12.23 -4.15
N THR A 48 -5.88 12.38 -4.74
CA THR A 48 -5.12 11.28 -5.23
C THR A 48 -4.36 10.68 -4.08
N CYS A 49 -4.43 9.36 -3.97
CA CYS A 49 -3.87 8.66 -2.85
C CYS A 49 -3.22 7.36 -3.31
N SER A 50 -1.93 7.20 -2.98
CA SER A 50 -1.19 5.97 -3.25
C SER A 50 -0.95 5.13 -2.00
N ALA A 51 -1.05 5.74 -0.83
CA ALA A 51 -0.82 5.01 0.43
C ALA A 51 -2.08 4.30 0.88
N VAL A 52 -2.42 3.21 0.18
CA VAL A 52 -3.64 2.47 0.38
C VAL A 52 -3.25 1.00 0.38
N CYS A 53 -3.86 0.19 1.23
CA CYS A 53 -3.71 -1.26 1.05
C CYS A 53 -4.80 -2.06 1.73
N SER A 54 -4.88 -3.31 1.31
CA SER A 54 -5.85 -4.19 1.90
C SER A 54 -5.46 -4.48 3.34
N VAL A 55 -6.44 -4.64 4.22
CA VAL A 55 -6.12 -5.04 5.59
C VAL A 55 -6.53 -6.48 5.89
N CYS A 56 -7.81 -6.81 5.72
CA CYS A 56 -8.29 -8.18 5.97
C CYS A 56 -9.59 -8.39 5.21
N ASP A 57 -10.02 -9.63 5.04
CA ASP A 57 -11.25 -9.86 4.28
C ASP A 57 -12.59 -10.04 5.06
N ARG A 58 -12.50 -10.18 6.40
CA ARG A 58 -13.69 -10.32 7.27
C ARG A 58 -13.48 -9.50 8.57
N PRO A 59 -14.15 -8.34 8.68
CA PRO A 59 -14.91 -7.66 7.64
C PRO A 59 -13.94 -7.13 6.61
N PRO A 60 -14.39 -7.07 5.34
CA PRO A 60 -13.56 -6.61 4.22
C PRO A 60 -13.14 -5.15 4.47
N THR A 61 -11.84 -4.90 4.65
CA THR A 61 -11.34 -3.62 5.16
C THR A 61 -10.08 -3.25 4.38
N VAL A 62 -10.03 -2.00 3.92
CA VAL A 62 -8.80 -1.43 3.40
C VAL A 62 -8.41 -0.23 4.28
N LEU A 63 -7.20 0.29 4.10
CA LEU A 63 -6.84 1.49 4.85
C LEU A 63 -6.24 2.44 3.84
N LEU A 64 -6.34 3.71 4.15
CA LEU A 64 -5.68 4.74 3.36
C LEU A 64 -5.14 5.84 4.31
N CYS A 65 -3.98 6.39 3.99
CA CYS A 65 -3.33 7.34 4.88
C CYS A 65 -3.32 8.67 4.19
N ILE A 66 -3.88 9.67 4.83
CA ILE A 66 -4.12 10.92 4.14
C ILE A 66 -3.74 12.05 5.09
N ASN A 67 -2.99 13.04 4.61
CA ASN A 67 -2.60 14.20 5.43
C ASN A 67 -3.83 14.90 5.97
N ARG A 68 -3.91 15.04 7.28
CA ARG A 68 -5.12 15.64 7.85
C ARG A 68 -5.33 17.11 7.51
N LYS A 69 -4.35 17.79 6.92
CA LYS A 69 -4.48 19.23 6.71
C LYS A 69 -5.28 19.55 5.45
N SER A 70 -5.53 18.55 4.59
CA SER A 70 -6.22 18.77 3.32
C SER A 70 -7.75 19.03 3.41
N TYR A 71 -8.20 19.81 2.44
CA TYR A 71 -9.61 20.08 2.17
C TYR A 71 -10.33 18.73 2.18
N ALA A 72 -9.82 17.82 1.35
CA ALA A 72 -10.52 16.54 1.16
C ALA A 72 -10.57 15.74 2.44
N ALA A 73 -9.50 15.75 3.22
CA ALA A 73 -9.51 14.93 4.42
C ALA A 73 -10.63 15.38 5.36
N GLY A 74 -10.77 16.70 5.54
CA GLY A 74 -11.82 17.27 6.36
C GLY A 74 -13.20 16.76 5.94
N ILE A 75 -13.50 16.81 4.66
CA ILE A 75 -14.79 16.39 4.16
C ILE A 75 -14.98 14.86 4.29
N ILE A 76 -13.99 14.09 3.86
CA ILE A 76 -14.05 12.62 3.91
C ILE A 76 -14.39 12.14 5.35
N LYS A 77 -13.66 12.66 6.33
CA LYS A 77 -13.84 12.26 7.72
C LYS A 77 -15.20 12.66 8.27
N SER A 78 -15.72 13.80 7.85
CA SER A 78 -17.03 14.14 8.32
C SER A 78 -18.20 13.46 7.59
N ASN A 79 -18.07 13.20 6.30
CA ASN A 79 -19.08 12.43 5.58
C ASN A 79 -19.11 10.98 6.10
N GLY A 80 -17.95 10.43 6.47
CA GLY A 80 -17.92 9.11 7.11
C GLY A 80 -18.02 7.98 6.11
N VAL A 81 -18.08 8.37 4.82
CA VAL A 81 -18.14 7.39 3.69
C VAL A 81 -17.18 7.87 2.62
N LEU A 82 -16.68 6.97 1.79
CA LEU A 82 -15.67 7.36 0.79
C LEU A 82 -15.61 6.26 -0.22
N SER A 83 -14.98 6.55 -1.35
CA SER A 83 -14.68 5.51 -2.31
C SER A 83 -13.19 5.48 -2.58
N VAL A 84 -12.68 4.29 -2.83
CA VAL A 84 -11.32 4.11 -3.26
C VAL A 84 -11.31 3.60 -4.72
N ASN A 85 -10.60 4.33 -5.57
CA ASN A 85 -10.68 4.10 -7.01
C ASN A 85 -9.30 3.93 -7.60
N TRP A 86 -8.93 2.66 -7.76
CA TRP A 86 -7.65 2.32 -8.35
C TRP A 86 -7.71 2.62 -9.88
N LEU A 87 -6.85 3.51 -10.32
CA LEU A 87 -6.88 4.01 -11.68
C LEU A 87 -6.23 3.04 -12.70
N ALA A 88 -6.77 3.06 -13.91
CA ALA A 88 -6.24 2.28 -15.03
C ALA A 88 -5.13 3.05 -15.73
N ALA A 89 -4.31 2.34 -16.52
CA ALA A 89 -3.23 3.00 -17.27
C ALA A 89 -3.64 4.30 -18.01
N GLY A 90 -4.87 4.39 -18.52
CA GLY A 90 -5.25 5.57 -19.29
C GLY A 90 -5.75 6.80 -18.54
N GLN A 91 -5.57 6.81 -17.23
CA GLN A 91 -6.27 7.77 -16.36
C GLN A 91 -5.31 8.67 -15.57
N ALA A 92 -4.11 8.86 -16.10
CA ALA A 92 -3.12 9.68 -15.44
C ALA A 92 -3.65 11.09 -15.28
N VAL A 93 -4.42 11.58 -16.24
CA VAL A 93 -5.02 12.92 -16.10
C VAL A 93 -5.98 12.97 -14.90
N ILE A 94 -6.76 11.92 -14.67
CA ILE A 94 -7.59 11.90 -13.46
C ILE A 94 -6.71 12.06 -12.19
N SER A 95 -5.63 11.27 -12.11
CA SER A 95 -4.69 11.39 -11.01
C SER A 95 -4.12 12.80 -10.87
N GLN A 96 -3.76 13.43 -11.99
CA GLN A 96 -3.12 14.72 -11.95
C GLN A 96 -4.17 15.69 -11.39
N THR A 97 -5.40 15.52 -11.85
CA THR A 97 -6.47 16.44 -11.44
C THR A 97 -6.73 16.41 -9.92
N PHE A 98 -6.82 15.21 -9.39
CA PHE A 98 -7.01 15.00 -7.95
C PHE A 98 -5.78 15.20 -7.06
N ALA A 99 -4.61 15.42 -7.67
CA ALA A 99 -3.40 15.78 -6.92
C ALA A 99 -3.27 17.29 -6.93
N GLY A 100 -4.15 17.94 -7.69
CA GLY A 100 -4.14 19.39 -7.73
C GLY A 100 -3.28 19.97 -8.85
N VAL A 101 -2.75 19.13 -9.75
CA VAL A 101 -2.14 19.67 -10.96
C VAL A 101 -3.19 20.45 -11.77
N GLY A 102 -2.87 21.68 -12.15
CA GLY A 102 -3.83 22.55 -12.84
C GLY A 102 -4.83 23.30 -11.96
N SER A 103 -4.69 23.07 -10.65
CA SER A 103 -5.48 23.76 -9.65
C SER A 103 -6.95 23.73 -9.99
N VAL A 104 -7.47 22.55 -10.30
CA VAL A 104 -8.90 22.45 -10.58
C VAL A 104 -9.66 22.53 -9.29
N PRO A 105 -10.60 23.50 -9.22
CA PRO A 105 -11.34 23.70 -7.96
C PRO A 105 -12.03 22.41 -7.52
N MET A 106 -12.03 22.17 -6.21
CA MET A 106 -12.48 20.89 -5.69
C MET A 106 -13.79 20.44 -6.29
N GLU A 107 -14.84 21.26 -6.26
CA GLU A 107 -16.14 20.74 -6.72
C GLU A 107 -16.25 20.64 -8.23
N GLU A 108 -15.32 21.25 -8.97
CA GLU A 108 -15.31 21.11 -10.43
C GLU A 108 -14.62 19.83 -10.94
N ARG A 109 -14.15 19.02 -10.00
CA ARG A 109 -13.34 17.87 -10.33
C ARG A 109 -14.15 16.63 -10.79
N PHE A 110 -15.47 16.65 -10.54
CA PHE A 110 -16.34 15.49 -10.77
C PHE A 110 -17.35 15.73 -11.90
N ALA A 111 -17.00 16.65 -12.79
CA ALA A 111 -17.84 16.98 -13.93
C ALA A 111 -17.58 16.01 -15.07
N ASP A 112 -18.09 14.78 -14.96
CA ASP A 112 -18.12 13.84 -16.07
C ASP A 112 -18.80 12.52 -15.71
N LYS A 113 -19.55 11.97 -16.67
CA LYS A 113 -20.35 10.75 -16.46
C LYS A 113 -19.64 9.61 -15.75
N GLY A 114 -18.30 9.68 -15.73
CA GLY A 114 -17.48 8.62 -15.18
C GLY A 114 -17.72 8.38 -13.71
N TRP A 115 -18.14 9.41 -13.00
CA TRP A 115 -18.51 9.29 -11.59
C TRP A 115 -20.00 9.06 -11.41
N GLN A 116 -20.34 7.98 -10.71
CA GLN A 116 -21.69 7.70 -10.26
C GLN A 116 -21.74 7.18 -8.82
N THR A 117 -22.94 7.17 -8.27
CA THR A 117 -23.21 6.68 -6.90
C THR A 117 -23.40 5.15 -6.93
N ILE A 118 -23.03 4.43 -5.87
CA ILE A 118 -23.38 3.01 -5.77
C ILE A 118 -24.16 2.76 -4.49
N ALA A 119 -23.48 2.62 -3.37
CA ALA A 119 -24.21 2.33 -2.13
C ALA A 119 -24.25 3.51 -1.15
N THR A 120 -23.10 4.14 -0.89
CA THR A 120 -23.03 5.10 0.21
C THR A 120 -23.41 6.51 -0.18
N GLY A 121 -23.36 6.82 -1.47
CA GLY A 121 -23.47 8.20 -1.88
C GLY A 121 -22.12 8.78 -2.27
N ALA A 122 -21.01 8.17 -1.84
CA ALA A 122 -19.71 8.66 -2.31
C ALA A 122 -19.63 8.49 -3.84
N PRO A 123 -18.97 9.42 -4.54
CA PRO A 123 -18.79 9.22 -5.99
C PRO A 123 -17.87 8.03 -6.31
N TYR A 124 -18.31 7.11 -7.16
CA TYR A 124 -17.50 5.97 -7.65
C TYR A 124 -17.04 6.16 -9.08
N ARG A 125 -15.76 5.89 -9.33
CA ARG A 125 -15.24 6.06 -10.67
C ARG A 125 -15.56 4.76 -11.43
N MET A 126 -16.57 4.78 -12.27
CA MET A 126 -17.06 3.53 -12.84
C MET A 126 -16.13 2.85 -13.89
N ASP A 127 -15.20 3.62 -14.48
CA ASP A 127 -14.24 3.04 -15.41
C ASP A 127 -12.84 2.90 -14.77
N ALA A 128 -12.78 2.92 -13.44
CA ALA A 128 -11.53 2.62 -12.72
C ALA A 128 -11.29 1.11 -12.73
N ALA A 129 -10.03 0.69 -12.60
CA ALA A 129 -9.72 -0.75 -12.54
C ALA A 129 -10.47 -1.43 -11.39
N VAL A 130 -10.49 -0.79 -10.22
CA VAL A 130 -11.23 -1.29 -9.04
C VAL A 130 -11.86 -0.08 -8.41
N SER A 131 -13.12 -0.20 -8.04
CA SER A 131 -13.71 0.81 -7.19
C SER A 131 -14.39 0.15 -6.01
N PHE A 132 -14.05 0.60 -4.78
CA PHE A 132 -14.66 0.13 -3.55
C PHE A 132 -15.47 1.27 -2.95
N ASP A 133 -16.76 1.02 -2.67
CA ASP A 133 -17.59 1.99 -1.94
C ASP A 133 -17.51 1.58 -0.49
N CYS A 134 -17.30 2.52 0.42
CA CYS A 134 -16.82 2.19 1.77
C CYS A 134 -17.43 3.05 2.86
N THR A 135 -17.57 2.50 4.06
CA THR A 135 -17.88 3.34 5.23
C THR A 135 -16.61 3.35 6.10
N ILE A 136 -16.35 4.49 6.74
CA ILE A 136 -15.18 4.61 7.64
C ILE A 136 -15.47 3.83 8.93
N ALA A 137 -14.55 2.98 9.32
CA ALA A 137 -14.70 2.23 10.56
C ALA A 137 -13.82 2.68 11.69
N ASN A 138 -12.66 3.25 11.38
CA ASN A 138 -11.71 3.62 12.39
C ASN A 138 -10.62 4.48 11.83
N ILE A 139 -10.03 5.31 12.70
CA ILE A 139 -8.95 6.19 12.28
C ILE A 139 -7.85 6.16 13.32
N VAL A 140 -6.63 5.90 12.85
CA VAL A 140 -5.43 6.00 13.65
C VAL A 140 -4.54 7.13 13.11
N ASP A 141 -4.30 8.12 13.97
CA ASP A 141 -3.45 9.24 13.58
C ASP A 141 -1.94 8.97 13.82
N VAL A 142 -1.15 9.23 12.79
CA VAL A 142 0.27 8.97 12.89
C VAL A 142 0.99 10.16 12.26
N GLY A 143 1.81 10.87 13.04
CA GLY A 143 2.40 12.11 12.57
C GLY A 143 1.39 12.99 11.85
N SER A 144 1.70 13.42 10.61
CA SER A 144 0.80 14.30 9.89
C SER A 144 -0.48 13.64 9.34
N HIS A 145 -0.50 12.29 9.30
CA HIS A 145 -1.51 11.56 8.54
C HIS A 145 -2.57 10.89 9.38
N SER A 146 -3.82 10.94 8.91
CA SER A 146 -4.86 10.09 9.39
C SER A 146 -4.80 8.75 8.61
N VAL A 147 -4.70 7.63 9.34
CA VAL A 147 -4.78 6.28 8.73
C VAL A 147 -6.21 5.81 8.90
N ILE A 148 -6.95 5.86 7.80
CA ILE A 148 -8.37 5.64 7.83
C ILE A 148 -8.65 4.19 7.44
N PHE A 149 -9.35 3.46 8.31
CA PHE A 149 -9.72 2.09 8.06
C PHE A 149 -11.13 2.11 7.56
N ALA A 150 -11.38 1.57 6.37
CA ALA A 150 -12.72 1.66 5.75
C ALA A 150 -13.24 0.28 5.33
N GLU A 151 -14.51 0.00 5.59
CA GLU A 151 -15.07 -1.31 5.27
C GLU A 151 -15.81 -1.26 3.94
N VAL A 152 -15.68 -2.30 3.14
CA VAL A 152 -16.15 -2.23 1.77
C VAL A 152 -17.57 -2.70 1.69
N VAL A 153 -18.46 -1.80 1.26
CA VAL A 153 -19.88 -2.15 1.12
C VAL A 153 -20.35 -2.29 -0.32
N ALA A 154 -19.53 -1.86 -1.28
CA ALA A 154 -19.80 -2.19 -2.70
C ALA A 154 -18.51 -2.23 -3.49
N ARG A 155 -18.48 -2.95 -4.62
CA ARG A 155 -17.29 -3.00 -5.47
C ARG A 155 -17.73 -2.78 -6.93
N ASN A 156 -16.82 -2.31 -7.78
CA ASN A 156 -17.09 -2.19 -9.21
C ASN A 156 -15.78 -2.33 -9.95
N HIS A 157 -15.85 -2.74 -11.23
CA HIS A 157 -14.66 -2.88 -12.05
C HIS A 157 -14.93 -2.44 -13.47
N ALA A 158 -13.95 -1.76 -14.05
CA ALA A 158 -13.91 -1.53 -15.48
C ALA A 158 -13.60 -2.81 -16.23
N GLU A 159 -13.85 -2.80 -17.51
CA GLU A 159 -13.53 -3.94 -18.33
C GLU A 159 -12.01 -4.24 -18.41
N GLU A 160 -11.21 -3.33 -18.97
CA GLU A 160 -9.91 -3.78 -19.50
C GLU A 160 -8.67 -2.99 -19.07
N CYS A 161 -8.32 -3.12 -17.79
CA CYS A 161 -7.46 -2.13 -17.19
C CYS A 161 -6.15 -2.65 -16.58
N THR A 162 -5.08 -2.57 -17.36
CA THR A 162 -3.77 -2.58 -16.74
C THR A 162 -3.69 -1.32 -15.87
N PRO A 163 -2.85 -1.35 -14.81
CA PRO A 163 -2.89 -0.36 -13.72
C PRO A 163 -2.13 0.92 -14.05
N LEU A 164 -2.51 2.01 -13.38
CA LEU A 164 -1.66 3.18 -13.40
C LEU A 164 -0.73 2.96 -12.23
N ILE A 165 0.56 3.11 -12.48
CA ILE A 165 1.56 2.84 -11.47
C ILE A 165 2.33 4.14 -11.28
N TYR A 166 2.82 4.41 -10.07
CA TYR A 166 3.66 5.59 -9.87
C TYR A 166 5.02 5.09 -9.43
N HIS A 167 6.10 5.66 -10.00
CA HIS A 167 7.48 5.20 -9.68
C HIS A 167 8.47 6.19 -10.20
N ARG A 168 9.45 6.53 -9.36
CA ARG A 168 10.45 7.56 -9.71
C ARG A 168 9.75 8.84 -10.13
N ARG A 169 8.63 9.16 -9.49
CA ARG A 169 7.96 10.42 -9.75
C ARG A 169 7.44 10.48 -11.18
N GLN A 170 7.15 9.33 -11.76
CA GLN A 170 6.47 9.31 -13.05
C GLN A 170 5.39 8.26 -13.04
N TYR A 171 4.38 8.46 -13.89
CA TYR A 171 3.37 7.45 -14.10
C TYR A 171 3.92 6.36 -15.00
N ALA A 172 3.36 5.16 -14.85
CA ALA A 172 3.75 4.05 -15.67
C ALA A 172 2.59 3.05 -15.70
N THR A 173 2.82 1.89 -16.33
CA THR A 173 1.86 0.81 -16.26
C THR A 173 2.64 -0.48 -16.26
N THR A 174 1.99 -1.62 -16.44
CA THR A 174 2.68 -2.87 -16.30
C THR A 174 3.04 -3.50 -17.65
N ARG A 175 4.02 -4.39 -17.62
CA ARG A 175 4.34 -5.27 -18.73
C ARG A 175 4.80 -6.59 -18.12
N SER A 176 4.64 -7.67 -18.86
CA SER A 176 5.08 -8.99 -18.40
C SER A 176 6.60 -8.97 -18.22
N LEU A 177 7.09 -9.83 -17.31
CA LEU A 177 8.51 -9.97 -17.08
C LEU A 177 9.12 -10.79 -18.21
N PHE B 14 -25.04 -0.14 6.18
CA PHE B 14 -24.74 -0.82 4.94
C PHE B 14 -24.03 -2.11 5.22
N GLU B 15 -24.54 -3.21 4.68
CA GLU B 15 -23.86 -4.52 4.83
C GLU B 15 -22.53 -4.56 4.06
N THR B 16 -21.50 -5.21 4.58
CA THR B 16 -20.24 -5.28 3.83
C THR B 16 -20.32 -6.29 2.66
N VAL B 17 -19.45 -6.14 1.65
CA VAL B 17 -19.36 -7.15 0.57
C VAL B 17 -18.92 -8.52 1.09
N ALA B 18 -19.27 -9.59 0.37
CA ALA B 18 -18.79 -10.91 0.71
C ALA B 18 -17.25 -10.94 0.64
N SER B 19 -16.64 -11.67 1.58
CA SER B 19 -15.20 -11.80 1.59
C SER B 19 -14.69 -12.21 0.22
N PHE B 20 -15.40 -13.13 -0.42
CA PHE B 20 -14.96 -13.64 -1.73
C PHE B 20 -14.91 -12.53 -2.78
N ASP B 21 -15.91 -11.65 -2.76
CA ASP B 21 -15.93 -10.48 -3.66
C ASP B 21 -14.76 -9.53 -3.40
N PHE B 22 -14.50 -9.27 -2.13
CA PHE B 22 -13.37 -8.43 -1.72
C PHE B 22 -12.05 -8.95 -2.33
N ARG B 23 -11.77 -10.25 -2.12
CA ARG B 23 -10.52 -10.88 -2.58
C ARG B 23 -10.43 -10.83 -4.11
N ASP B 24 -11.53 -11.13 -4.76
CA ASP B 24 -11.56 -11.09 -6.22
C ASP B 24 -11.22 -9.70 -6.70
N ALA B 25 -11.90 -8.72 -6.13
CA ALA B 25 -11.64 -7.33 -6.51
C ALA B 25 -10.19 -6.98 -6.35
N LEU B 26 -9.59 -7.35 -5.21
CA LEU B 26 -8.19 -7.01 -4.95
C LEU B 26 -7.25 -7.59 -6.00
N SER B 27 -7.56 -8.80 -6.52
CA SER B 27 -6.71 -9.39 -7.59
C SER B 27 -6.62 -8.48 -8.83
N LYS B 28 -7.57 -7.57 -8.96
CA LYS B 28 -7.64 -6.68 -10.09
C LYS B 28 -6.94 -5.35 -9.80
N ALA B 29 -6.57 -5.13 -8.54
CA ALA B 29 -5.67 -3.99 -8.22
C ALA B 29 -4.21 -4.39 -8.44
N SER B 30 -3.26 -3.47 -8.34
CA SER B 30 -1.86 -3.85 -8.42
C SER B 30 -1.13 -3.38 -7.16
N THR B 31 -0.01 -4.03 -6.86
CA THR B 31 0.80 -3.69 -5.69
C THR B 31 2.27 -3.89 -6.03
N PRO B 32 3.17 -3.16 -5.34
CA PRO B 32 4.58 -3.58 -5.31
C PRO B 32 4.66 -4.97 -4.67
N VAL B 33 5.85 -5.57 -4.62
CA VAL B 33 6.05 -6.84 -3.91
C VAL B 33 7.24 -6.63 -2.95
N THR B 34 7.04 -6.81 -1.66
CA THR B 34 8.16 -6.69 -0.73
C THR B 34 8.44 -8.01 -0.04
N VAL B 35 9.59 -8.08 0.63
CA VAL B 35 9.78 -9.18 1.59
C VAL B 35 9.96 -8.45 2.90
N VAL B 36 9.22 -8.84 3.93
CA VAL B 36 9.38 -8.27 5.25
C VAL B 36 10.17 -9.33 6.01
N ALA B 37 11.29 -8.92 6.60
CA ALA B 37 12.19 -9.85 7.31
C ALA B 37 12.47 -9.38 8.75
N THR B 38 12.91 -10.32 9.59
CA THR B 38 13.21 -10.01 10.96
C THR B 38 14.31 -10.91 11.51
N ASN B 39 14.96 -10.48 12.59
CA ASN B 39 15.81 -11.37 13.36
C ASN B 39 15.95 -10.80 14.74
N GLY B 40 16.33 -11.65 15.68
CA GLY B 40 16.51 -11.24 17.06
C GLY B 40 16.37 -12.46 17.89
N PRO B 41 16.06 -12.28 19.17
CA PRO B 41 16.01 -13.39 20.12
C PRO B 41 15.02 -14.48 19.75
N PHE B 42 13.98 -14.15 19.00
CA PHE B 42 12.97 -15.16 18.69
C PHE B 42 13.25 -15.75 17.31
N GLY B 43 14.37 -15.34 16.71
CA GLY B 43 14.83 -16.04 15.52
C GLY B 43 14.65 -15.33 14.18
N LEU B 44 15.00 -16.02 13.10
CA LEU B 44 14.91 -15.48 11.76
C LEU B 44 13.53 -15.77 11.18
N ALA B 45 12.95 -14.84 10.44
CA ALA B 45 11.73 -15.14 9.69
C ALA B 45 11.56 -14.05 8.68
N GLY B 46 10.85 -14.34 7.60
CA GLY B 46 10.44 -13.29 6.69
C GLY B 46 9.28 -13.81 5.88
N LEU B 47 8.54 -12.94 5.22
CA LEU B 47 7.51 -13.46 4.35
C LEU B 47 7.27 -12.46 3.24
N THR B 48 6.64 -12.87 2.14
CA THR B 48 6.35 -11.83 1.16
C THR B 48 5.05 -11.12 1.40
N CYS B 49 5.11 -9.81 1.27
CA CYS B 49 4.05 -8.95 1.74
C CYS B 49 3.81 -7.88 0.69
N SER B 50 2.56 -7.68 0.27
CA SER B 50 2.30 -6.54 -0.61
C SER B 50 1.49 -5.47 0.07
N ALA B 51 1.00 -5.74 1.27
CA ALA B 51 0.07 -4.84 1.92
C ALA B 51 0.93 -3.94 2.81
N VAL B 52 1.54 -2.95 2.15
CA VAL B 52 2.55 -2.08 2.76
C VAL B 52 2.32 -0.70 2.20
N CYS B 53 2.48 0.32 3.04
CA CYS B 53 2.58 1.66 2.50
C CYS B 53 3.27 2.62 3.43
N SER B 54 3.62 3.79 2.91
CA SER B 54 4.29 4.78 3.74
C SER B 54 3.21 5.54 4.43
N VAL B 55 3.50 6.01 5.63
CA VAL B 55 2.46 6.59 6.48
C VAL B 55 2.68 8.10 6.66
N CYS B 56 3.84 8.49 7.21
CA CYS B 56 4.17 9.88 7.31
C CYS B 56 5.69 9.98 7.30
N ASP B 57 6.23 11.18 7.19
CA ASP B 57 7.67 11.26 7.22
C ASP B 57 8.30 11.75 8.53
N ARG B 58 7.47 12.10 9.52
CA ARG B 58 8.00 12.54 10.79
C ARG B 58 7.13 12.14 11.97
N PRO B 59 7.59 11.09 12.69
CA PRO B 59 8.77 10.34 12.22
C PRO B 59 8.48 9.45 10.99
N PRO B 60 9.51 9.15 10.20
CA PRO B 60 9.42 8.29 9.03
C PRO B 60 8.85 6.93 9.40
N THR B 61 7.63 6.66 8.98
CA THR B 61 6.88 5.46 9.37
C THR B 61 6.29 4.80 8.15
N VAL B 62 6.41 3.48 8.12
CA VAL B 62 5.68 2.66 7.14
C VAL B 62 4.76 1.71 7.93
N LEU B 63 3.77 1.12 7.27
CA LEU B 63 2.95 0.10 7.90
C LEU B 63 2.91 -1.12 6.97
N LEU B 64 2.60 -2.27 7.53
CA LEU B 64 2.48 -3.49 6.81
C LEU B 64 1.44 -4.35 7.51
N CYS B 65 0.67 -5.08 6.73
CA CYS B 65 -0.45 -5.88 7.22
C CYS B 65 -0.14 -7.31 6.98
N ILE B 66 0.00 -8.04 8.08
CA ILE B 66 0.35 -9.43 7.93
C ILE B 66 -0.55 -10.37 8.70
N ASN B 67 -0.89 -11.47 8.03
CA ASN B 67 -1.83 -12.41 8.60
C ASN B 67 -1.23 -12.99 9.87
N ARG B 68 -1.97 -12.94 10.98
CA ARG B 68 -1.51 -13.50 12.25
C ARG B 68 -1.22 -15.02 12.18
N LYS B 69 -1.79 -15.68 11.19
CA LYS B 69 -1.54 -17.11 10.96
C LYS B 69 -0.11 -17.34 10.42
N SER B 70 0.50 -16.35 9.80
CA SER B 70 1.87 -16.52 9.28
C SER B 70 2.81 -17.00 10.38
N TYR B 71 3.67 -17.97 10.05
CA TYR B 71 4.71 -18.37 10.99
C TYR B 71 5.57 -17.14 11.28
N ALA B 72 5.75 -16.28 10.30
CA ALA B 72 6.67 -15.17 10.52
C ALA B 72 6.07 -14.07 11.44
N ALA B 73 4.74 -14.00 11.59
CA ALA B 73 4.08 -12.89 12.35
C ALA B 73 4.51 -12.77 13.79
N GLY B 74 4.46 -13.90 14.50
CA GLY B 74 4.80 -13.89 15.92
C GLY B 74 6.26 -13.54 16.10
N ILE B 75 7.12 -14.09 15.25
CA ILE B 75 8.55 -13.83 15.40
C ILE B 75 8.85 -12.36 15.11
N ILE B 76 8.26 -11.80 14.06
CA ILE B 76 8.47 -10.39 13.76
C ILE B 76 8.04 -9.53 14.96
N LYS B 77 6.82 -9.77 15.47
CA LYS B 77 6.33 -8.90 16.55
C LYS B 77 7.11 -9.08 17.88
N SER B 78 7.54 -10.31 18.17
CA SER B 78 8.37 -10.51 19.36
C SER B 78 9.78 -9.92 19.25
N ASN B 79 10.36 -9.89 18.05
CA ASN B 79 11.72 -9.35 17.90
C ASN B 79 11.63 -7.83 18.00
N GLY B 80 10.50 -7.25 17.59
CA GLY B 80 10.35 -5.80 17.68
C GLY B 80 11.05 -5.02 16.58
N VAL B 81 11.69 -5.73 15.67
CA VAL B 81 12.45 -5.08 14.60
C VAL B 81 12.16 -5.76 13.29
N LEU B 82 12.30 -5.03 12.18
CA LEU B 82 12.01 -5.63 10.87
C LEU B 82 12.57 -4.79 9.76
N SER B 83 12.77 -5.42 8.60
CA SER B 83 13.00 -4.63 7.39
C SER B 83 11.88 -4.80 6.38
N VAL B 84 11.66 -3.75 5.57
CA VAL B 84 10.83 -3.87 4.39
C VAL B 84 11.69 -3.77 3.14
N ASN B 85 11.66 -4.82 2.33
CA ASN B 85 12.45 -4.87 1.09
C ASN B 85 11.60 -4.93 -0.18
N TRP B 86 11.50 -3.81 -0.88
CA TRP B 86 10.78 -3.72 -2.15
C TRP B 86 11.61 -4.43 -3.23
N LEU B 87 11.08 -5.52 -3.79
CA LEU B 87 11.87 -6.33 -4.72
C LEU B 87 11.95 -5.69 -6.09
N ALA B 88 13.05 -5.94 -6.80
CA ALA B 88 13.23 -5.45 -8.19
C ALA B 88 12.69 -6.46 -9.18
N ALA B 89 12.50 -6.04 -10.42
CA ALA B 89 11.88 -6.91 -11.46
C ALA B 89 12.59 -8.27 -11.58
N GLY B 90 13.90 -8.29 -11.35
CA GLY B 90 14.64 -9.53 -11.48
C GLY B 90 14.50 -10.53 -10.32
N GLN B 91 13.64 -10.23 -9.36
CA GLN B 91 13.71 -10.95 -8.08
C GLN B 91 12.48 -11.78 -7.73
N ALA B 92 11.74 -12.21 -8.77
CA ALA B 92 10.52 -12.99 -8.55
C ALA B 92 10.83 -14.28 -7.77
N VAL B 93 12.02 -14.85 -7.96
CA VAL B 93 12.36 -16.05 -7.19
C VAL B 93 12.44 -15.78 -5.69
N ILE B 94 12.87 -14.58 -5.30
CA ILE B 94 12.88 -14.23 -3.90
C ILE B 94 11.44 -14.16 -3.39
N SER B 95 10.59 -13.46 -4.12
CA SER B 95 9.19 -13.37 -3.74
C SER B 95 8.64 -14.78 -3.55
N GLN B 96 8.99 -15.69 -4.47
CA GLN B 96 8.42 -17.03 -4.42
C GLN B 96 8.89 -17.79 -3.17
N THR B 97 10.17 -17.67 -2.88
CA THR B 97 10.78 -18.33 -1.71
C THR B 97 10.09 -17.85 -0.42
N PHE B 98 9.95 -16.53 -0.29
CA PHE B 98 9.34 -15.96 0.90
C PHE B 98 7.82 -16.08 0.95
N ALA B 99 7.17 -16.47 -0.15
CA ALA B 99 5.73 -16.81 -0.07
C ALA B 99 5.54 -18.28 0.30
N GLY B 100 6.64 -18.99 0.51
CA GLY B 100 6.60 -20.40 0.92
C GLY B 100 6.71 -21.45 -0.19
N VAL B 101 6.96 -21.02 -1.41
CA VAL B 101 7.11 -21.99 -2.51
C VAL B 101 8.44 -22.73 -2.32
N GLY B 102 8.43 -24.07 -2.33
CA GLY B 102 9.64 -24.83 -2.06
C GLY B 102 9.77 -25.09 -0.56
N SER B 103 8.83 -24.53 0.19
CA SER B 103 8.86 -24.58 1.65
C SER B 103 10.29 -24.49 2.20
N VAL B 104 11.00 -23.44 1.80
CA VAL B 104 12.36 -23.27 2.31
C VAL B 104 12.39 -22.90 3.80
N PRO B 105 13.20 -23.61 4.59
CA PRO B 105 13.23 -23.22 6.02
C PRO B 105 13.64 -21.76 6.23
N MET B 106 13.11 -21.12 7.26
CA MET B 106 13.40 -19.70 7.49
C MET B 106 14.88 -19.38 7.47
N GLU B 107 15.68 -19.98 8.34
CA GLU B 107 17.09 -19.62 8.41
C GLU B 107 17.76 -19.73 7.06
N GLU B 108 17.40 -20.77 6.33
CA GLU B 108 17.97 -21.01 5.03
C GLU B 108 17.57 -19.96 4.01
N ARG B 109 16.47 -19.28 4.23
CA ARG B 109 16.07 -18.20 3.35
C ARG B 109 17.08 -17.04 3.35
N PHE B 110 17.77 -16.86 4.47
CA PHE B 110 18.73 -15.77 4.66
C PHE B 110 20.21 -16.19 4.49
N ALA B 111 20.44 -17.42 4.05
CA ALA B 111 21.80 -17.92 3.89
C ALA B 111 22.58 -17.14 2.80
N ASP B 112 21.87 -16.72 1.78
CA ASP B 112 22.51 -16.00 0.69
C ASP B 112 23.10 -14.70 1.19
N LYS B 113 24.30 -14.36 0.73
CA LYS B 113 25.01 -13.20 1.24
C LYS B 113 24.38 -11.83 0.82
N GLY B 114 23.39 -11.85 -0.06
CA GLY B 114 22.66 -10.63 -0.38
C GLY B 114 21.90 -10.09 0.82
N TRP B 115 21.69 -10.96 1.81
CA TRP B 115 21.01 -10.59 3.03
C TRP B 115 22.04 -10.20 4.09
N GLN B 116 22.04 -8.93 4.48
CA GLN B 116 22.90 -8.49 5.57
C GLN B 116 22.13 -7.71 6.63
N THR B 117 22.79 -7.47 7.74
CA THR B 117 22.25 -6.59 8.73
C THR B 117 22.71 -5.17 8.35
N ILE B 118 21.91 -4.15 8.67
CA ILE B 118 22.30 -2.75 8.62
C ILE B 118 22.30 -2.14 10.02
N ALA B 119 21.14 -1.87 10.63
CA ALA B 119 21.16 -1.24 11.96
C ALA B 119 20.42 -2.02 13.07
N THR B 120 19.29 -2.63 12.77
CA THR B 120 18.50 -3.22 13.86
C THR B 120 18.88 -4.63 14.20
N GLY B 121 19.58 -5.32 13.30
CA GLY B 121 19.67 -6.77 13.33
C GLY B 121 18.71 -7.48 12.38
N ALA B 122 17.65 -6.84 11.89
CA ALA B 122 16.84 -7.59 10.91
C ALA B 122 17.61 -7.74 9.62
N PRO B 123 17.37 -8.83 8.89
CA PRO B 123 18.02 -9.00 7.59
C PRO B 123 17.50 -7.99 6.54
N TYR B 124 18.43 -7.35 5.85
CA TYR B 124 18.08 -6.40 4.81
C TYR B 124 18.60 -6.95 3.50
N ARG B 125 17.77 -6.90 2.46
CA ARG B 125 18.21 -7.37 1.15
C ARG B 125 18.94 -6.23 0.43
N MET B 126 20.28 -6.32 0.41
CA MET B 126 21.08 -5.19 -0.08
C MET B 126 20.88 -4.83 -1.58
N ASP B 127 20.40 -5.77 -2.36
CA ASP B 127 20.19 -5.49 -3.77
C ASP B 127 18.70 -5.29 -4.07
N ALA B 128 17.89 -5.22 -3.01
CA ALA B 128 16.47 -4.91 -3.20
C ALA B 128 16.36 -3.50 -3.77
N ALA B 129 15.31 -3.25 -4.52
CA ALA B 129 15.15 -1.92 -5.06
C ALA B 129 15.17 -0.87 -3.93
N VAL B 130 14.51 -1.13 -2.81
CA VAL B 130 14.59 -0.22 -1.64
C VAL B 130 14.48 -1.11 -0.42
N SER B 131 15.31 -0.86 0.59
CA SER B 131 15.23 -1.56 1.85
C SER B 131 15.22 -0.58 3.04
N PHE B 132 14.24 -0.74 3.91
CA PHE B 132 14.14 0.12 5.11
C PHE B 132 14.32 -0.78 6.27
N ASP B 133 15.30 -0.44 7.10
CA ASP B 133 15.55 -1.08 8.38
C ASP B 133 14.73 -0.36 9.43
N CYS B 134 13.92 -1.10 10.21
CA CYS B 134 12.87 -0.47 11.02
C CYS B 134 12.68 -1.00 12.41
N THR B 135 12.23 -0.13 13.32
CA THR B 135 11.76 -0.61 14.64
C THR B 135 10.25 -0.50 14.79
N ILE B 136 9.63 -1.54 15.32
CA ILE B 136 8.19 -1.51 15.46
C ILE B 136 7.79 -0.42 16.48
N ALA B 137 6.79 0.38 16.14
CA ALA B 137 6.27 1.48 17.00
C ALA B 137 4.85 1.27 17.54
N ASN B 138 4.05 0.53 16.76
CA ASN B 138 2.63 0.33 17.09
C ASN B 138 2.12 -0.93 16.37
N ILE B 139 1.23 -1.66 17.01
CA ILE B 139 0.60 -2.80 16.34
C ILE B 139 -0.90 -2.72 16.60
N VAL B 140 -1.67 -2.64 15.53
CA VAL B 140 -3.14 -2.64 15.65
C VAL B 140 -3.71 -3.86 14.96
N ASP B 141 -4.38 -4.71 15.71
CA ASP B 141 -4.94 -5.94 15.18
C ASP B 141 -6.34 -5.74 14.64
N VAL B 142 -6.52 -6.06 13.36
CA VAL B 142 -7.77 -5.81 12.63
C VAL B 142 -8.15 -7.07 11.82
N GLY B 143 -9.34 -7.61 12.05
CA GLY B 143 -9.66 -8.93 11.49
C GLY B 143 -8.52 -9.93 11.69
N SER B 144 -8.12 -10.58 10.60
CA SER B 144 -7.11 -11.65 10.70
C SER B 144 -5.67 -11.11 10.81
N HIS B 145 -5.48 -9.81 10.56
CA HIS B 145 -4.17 -9.24 10.39
C HIS B 145 -3.68 -8.30 11.51
N SER B 146 -2.36 -8.32 11.74
CA SER B 146 -1.66 -7.35 12.54
C SER B 146 -1.21 -6.27 11.57
N VAL B 147 -1.67 -5.06 11.84
CA VAL B 147 -1.19 -3.89 11.16
C VAL B 147 -0.06 -3.33 11.97
N ILE B 148 1.12 -3.39 11.38
CA ILE B 148 2.32 -3.13 12.14
C ILE B 148 2.93 -1.84 11.62
N PHE B 149 3.04 -0.85 12.50
CA PHE B 149 3.62 0.46 12.16
C PHE B 149 5.08 0.49 12.56
N ALA B 150 5.97 0.86 11.65
CA ALA B 150 7.40 0.74 11.93
C ALA B 150 8.12 2.01 11.51
N GLU B 151 9.11 2.41 12.29
CA GLU B 151 9.77 3.68 12.04
C GLU B 151 11.10 3.40 11.37
N VAL B 152 11.37 4.09 10.27
CA VAL B 152 12.60 3.80 9.54
C VAL B 152 13.91 4.35 10.19
N VAL B 153 14.85 3.45 10.47
CA VAL B 153 16.12 3.87 11.08
C VAL B 153 17.29 3.80 10.11
N ALA B 154 17.19 3.03 9.04
CA ALA B 154 18.27 3.00 8.06
C ALA B 154 17.69 2.58 6.75
N ARG B 155 18.38 2.90 5.67
CA ARG B 155 17.91 2.40 4.39
C ARG B 155 19.05 2.02 3.48
N ASN B 156 18.68 1.40 2.36
CA ASN B 156 19.62 0.98 1.33
C ASN B 156 18.88 0.85 0.02
N HIS B 157 19.47 1.32 -1.06
CA HIS B 157 18.89 1.08 -2.38
C HIS B 157 19.96 0.58 -3.33
N ALA B 158 19.62 -0.44 -4.13
CA ALA B 158 20.42 -0.80 -5.28
C ALA B 158 20.48 0.37 -6.29
N GLU B 159 21.15 0.17 -7.42
CA GLU B 159 21.07 1.17 -8.50
C GLU B 159 19.88 0.87 -9.36
N GLU B 160 19.54 -0.42 -9.46
CA GLU B 160 18.34 -0.87 -10.20
C GLU B 160 17.04 -0.80 -9.39
N CYS B 161 16.21 0.18 -9.72
CA CYS B 161 14.96 0.43 -8.99
C CYS B 161 13.76 -0.28 -9.63
N THR B 162 13.94 -0.86 -10.84
CA THR B 162 12.77 -1.32 -11.63
C THR B 162 11.96 -2.33 -10.86
N PRO B 163 10.66 -2.04 -10.67
CA PRO B 163 9.86 -2.70 -9.63
C PRO B 163 9.42 -4.08 -10.00
N LEU B 164 9.47 -4.98 -9.04
CA LEU B 164 8.61 -6.16 -9.14
C LEU B 164 7.14 -5.78 -8.82
N ILE B 165 6.24 -6.08 -9.73
CA ILE B 165 4.84 -5.78 -9.47
C ILE B 165 3.97 -7.01 -9.48
N TYR B 166 2.88 -6.99 -8.71
CA TYR B 166 1.94 -8.13 -8.69
C TYR B 166 0.55 -7.68 -9.15
N HIS B 167 -0.11 -8.47 -9.98
CA HIS B 167 -1.34 -7.99 -10.60
C HIS B 167 -2.00 -9.17 -11.23
N ARG B 168 -3.30 -9.33 -10.99
CA ARG B 168 -4.06 -10.42 -11.63
C ARG B 168 -3.29 -11.71 -11.39
N ARG B 169 -2.74 -11.83 -10.18
CA ARG B 169 -2.08 -13.06 -9.75
C ARG B 169 -0.84 -13.41 -10.59
N GLN B 170 -0.26 -12.42 -11.24
CA GLN B 170 1.05 -12.67 -11.80
C GLN B 170 2.03 -11.54 -11.53
N TYR B 171 3.28 -11.90 -11.69
CA TYR B 171 4.38 -10.94 -11.60
C TYR B 171 4.46 -10.09 -12.85
N ALA B 172 4.89 -8.88 -12.64
CA ALA B 172 5.10 -7.94 -13.72
C ALA B 172 6.14 -6.93 -13.26
N THR B 173 6.49 -6.06 -14.19
CA THR B 173 7.29 -4.91 -13.88
C THR B 173 6.72 -3.78 -14.67
N THR B 174 7.42 -2.66 -14.66
CA THR B 174 6.86 -1.41 -15.16
C THR B 174 7.24 -1.15 -16.63
N ARG B 175 6.40 -0.34 -17.28
CA ARG B 175 6.61 0.16 -18.63
C ARG B 175 6.17 1.62 -18.67
N SER B 176 6.72 2.40 -19.59
CA SER B 176 6.26 3.78 -19.79
C SER B 176 4.85 3.83 -20.41
N LEU B 177 4.15 4.93 -20.21
CA LEU B 177 2.81 5.08 -20.78
C LEU B 177 2.96 5.67 -22.16
PA FAD C . 1.94 18.60 -1.73
O1A FAD C . 2.93 19.70 -1.00
O2A FAD C . 2.69 17.83 -2.74
O5B FAD C . 1.24 17.61 -0.56
C5B FAD C . 1.74 17.64 0.78
C4B FAD C . 1.25 16.47 1.66
O4B FAD C . -0.02 15.82 1.23
C3B FAD C . 2.12 15.15 1.83
O3B FAD C . 2.12 14.74 3.15
C2B FAD C . 1.55 14.16 0.84
O2B FAD C . 1.35 12.78 1.15
C1B FAD C . 0.46 14.90 0.24
N9A FAD C . 1.80 11.96 0.06
C8A FAD C . 1.90 10.58 0.03
N7A FAD C . 2.45 10.17 -1.26
C5A FAD C . 2.67 11.36 -2.02
C6A FAD C . 3.18 11.57 -3.34
N6A FAD C . 3.55 10.42 -4.18
N1A FAD C . 3.30 12.83 -3.85
C2A FAD C . 2.93 13.91 -3.04
N3A FAD C . 2.42 13.72 -1.75
C4A FAD C . 2.29 12.46 -1.24
N1 FAD C . -1.60 12.78 -0.36
C2 FAD C . -1.88 12.07 0.79
O2 FAD C . -2.27 12.77 1.88
N3 FAD C . -1.74 10.67 0.86
C4 FAD C . -1.31 9.96 -0.24
O4 FAD C . -1.34 8.57 -0.20
C4X FAD C . -1.03 10.65 -1.44
N5 FAD C . -0.59 9.92 -2.60
C5X FAD C . -0.33 10.62 -3.79
C6 FAD C . 0.08 9.90 -5.01
C7 FAD C . 0.36 10.61 -6.22
C7M FAD C . 0.76 9.80 -7.48
C8 FAD C . 0.20 12.03 -6.27
C8M FAD C . 0.42 12.84 -7.56
C9 FAD C . -0.23 12.75 -5.07
C9A FAD C . -0.49 12.02 -3.83
N10 FAD C . -0.92 12.74 -2.66
C10 FAD C . -1.18 12.03 -1.49
C1' FAD C . -1.15 14.21 -2.62
C2' FAD C . -2.39 14.67 -2.93
O2' FAD C . -3.11 14.01 -3.62
C3' FAD C . -2.51 16.19 -3.20
O3' FAD C . -1.59 16.52 -4.20
C4' FAD C . -2.32 17.08 -1.98
O4' FAD C . -3.35 17.02 -1.03
C5' FAD C . -2.19 18.52 -2.51
O5' FAD C . -1.75 19.44 -1.53
P FAD C . -0.39 20.36 -1.88
O1P FAD C . 0.10 21.06 -0.45
O2P FAD C . -0.71 21.35 -2.93
O3P FAD C . 0.72 19.35 -2.55
PA FAD D . 3.74 -20.28 6.97
O1A FAD D . 3.60 -18.67 7.12
O2A FAD D . 2.86 -21.08 7.86
O5B FAD D . 5.30 -20.74 7.21
C5B FAD D . 5.64 -21.93 6.52
C4B FAD D . 7.09 -21.93 6.04
O4B FAD D . 7.70 -20.64 6.51
C3B FAD D . 7.99 -22.90 6.89
O3B FAD D . 9.32 -22.98 6.50
C2B FAD D . 7.76 -22.24 8.22
O2B FAD D . 8.61 -22.66 9.23
C1B FAD D . 7.83 -20.81 7.92
N9A FAD D . 7.78 -23.36 10.14
C8A FAD D . 6.45 -23.60 9.94
N7A FAD D . 5.99 -24.32 11.09
C5A FAD D . 7.08 -24.48 11.98
C6A FAD D . 7.17 -25.09 13.24
N6A FAD D . 5.96 -25.72 13.79
N1A FAD D . 8.37 -25.10 13.90
C2A FAD D . 9.49 -24.50 13.33
N3A FAD D . 9.40 -23.90 12.08
C4A FAD D . 8.20 -23.89 11.42
N1 FAD D . 0.82 -12.43 3.44
C2 FAD D . 0.42 -11.50 4.36
O2 FAD D . 0.12 -11.96 5.64
N3 FAD D . 0.30 -10.12 4.01
C4 FAD D . 0.55 -9.73 2.70
O4 FAD D . 0.47 -8.38 2.32
C4X FAD D . 0.92 -10.71 1.74
N5 FAD D . 1.18 -10.33 0.39
C5X FAD D . 1.64 -11.26 -0.53
C6 FAD D . 1.93 -10.84 -1.92
C7 FAD D . 2.34 -11.85 -2.87
C7M FAD D . 2.67 -11.42 -4.32
C8 FAD D . 2.48 -13.23 -2.48
C8M FAD D . 2.97 -14.31 -3.46
C9 FAD D . 2.21 -13.61 -1.13
C9A FAD D . 1.78 -12.61 -0.15
N10 FAD D . 1.46 -12.99 1.19
C10 FAD D . 1.08 -12.03 2.11
C1' FAD D . 1.48 -14.39 1.67
C2' FAD D . 2.67 -14.85 2.11
O2' FAD D . 3.67 -14.35 1.65
C3' FAD D . 2.69 -16.38 2.30
O3' FAD D . 2.51 -17.04 1.06
C4' FAD D . 1.83 -16.95 3.44
O4' FAD D . 2.15 -16.36 4.70
C5' FAD D . 2.04 -18.49 3.46
O5' FAD D . 3.43 -18.71 3.59
P FAD D . 4.13 -20.13 4.11
O1P FAD D . 3.78 -21.25 2.97
O2P FAD D . 5.59 -19.87 4.26
O3P FAD D . 3.31 -20.66 5.44
#